data_3JR4
#
_entry.id   3JR4
#
_cell.length_a   45.343
_cell.length_b   95.377
_cell.length_c   102.482
_cell.angle_alpha   90.000
_cell.angle_beta   90.000
_cell.angle_gamma   90.000
#
_symmetry.space_group_name_H-M   'P 21 21 21'
#
loop_
_entity.id
_entity.type
_entity.pdbx_description
1 polymer 'DNA glycosylase'
2 polymer "DNA (5'-D(*AP*GP*GP*TP*AP*GP*AP*CP*CP*TP*GP*GP*AP*CP*GP*C)-3')"
3 polymer "DNA (5'-D(*TP*G*CP*GP*TP*CP*CP*AP*(GX1)P*GP*TP*CP*TP*AP*CP*C)-3')"
4 non-polymer 'ZINC ION'
5 water water
#
loop_
_entity_poly.entity_id
_entity_poly.type
_entity_poly.pdbx_seq_one_letter_code
_entity_poly.pdbx_strand_id
1 'polypeptide(L)'
;PQLPEVETIRRTLLPLIVGKTIEDVRIFWPNIIRHPRDSEAFAARMIGQTVRGLERRGKFLKFLLDRDALISHLRMEGRY
AVASALEPLEPHTHVVFCFTDGSELRYRDVRKFGTMHVYAKEEADRRPPLAELGPEPLSPAFSPAVLAERAVKTKRSVKA
LLLDQTVVAGFGCIYVDESLFRAGILPGRPAASLSSKEIERLHEEMVATIGEAVMKGGSTVRTYVNTQGEAGTFQHHLYV
YGRQGNPCKRCGTPIEKTVVAGRGTHYCPRCQR
;
A
2 'polydeoxyribonucleotide' (DA)(DG)(DG)(DT)(DA)(DG)(DA)(DC)(DC)(DT)(DG)(DG)(DA)(DC)(DG)(DC) B
3 'polydeoxyribonucleotide' (DT)(DG)(DC)(DG)(DT)(DC)(DC)(DA)(GX1)(DG)(DT)(DC)(DT)(DA)(DC)(DC) C
#
# COMPACT_ATOMS: atom_id res chain seq x y z
N PRO A 1 1.65 1.86 -5.17
CA PRO A 1 2.46 1.21 -4.14
C PRO A 1 1.64 0.31 -3.24
N GLN A 2 2.20 -0.86 -2.92
CA GLN A 2 1.61 -1.80 -2.00
C GLN A 2 2.42 -1.82 -0.70
N LEU A 3 1.98 -2.63 0.27
CA LEU A 3 2.64 -2.73 1.56
C LEU A 3 4.19 -2.72 1.49
N PRO A 4 4.79 -3.58 0.65
CA PRO A 4 6.25 -3.63 0.63
C PRO A 4 6.89 -2.32 0.20
N GLU A 5 6.33 -1.69 -0.83
CA GLU A 5 6.82 -0.41 -1.31
C GLU A 5 6.66 0.68 -0.25
N VAL A 6 5.46 0.76 0.33
CA VAL A 6 5.19 1.76 1.35
C VAL A 6 6.07 1.56 2.59
N GLU A 7 6.22 0.32 3.03
CA GLU A 7 7.07 0.03 4.19
C GLU A 7 8.49 0.51 3.94
N THR A 8 8.90 0.55 2.67
CA THR A 8 10.25 0.97 2.32
C THR A 8 10.35 2.48 2.35
N ILE A 9 9.31 3.15 1.84
CA ILE A 9 9.21 4.59 1.94
C ILE A 9 9.22 5.01 3.40
N ARG A 10 8.54 4.24 4.23
CA ARG A 10 8.47 4.55 5.66
C ARG A 10 9.86 4.46 6.31
N ARG A 11 10.57 3.37 6.07
CA ARG A 11 11.86 3.17 6.71
C ARG A 11 12.91 4.22 6.33
N THR A 12 12.89 4.65 5.07
CA THR A 12 13.92 5.59 4.57
C THR A 12 13.54 7.05 4.80
N LEU A 13 12.25 7.32 4.87
CA LEU A 13 11.75 8.68 5.05
C LEU A 13 11.83 9.17 6.51
N LEU A 14 11.58 8.28 7.44
CA LEU A 14 11.56 8.64 8.85
C LEU A 14 12.77 9.48 9.30
N PRO A 15 13.99 8.94 9.10
CA PRO A 15 15.19 9.63 9.61
C PRO A 15 15.35 11.00 8.99
N LEU A 16 14.72 11.21 7.83
CA LEU A 16 14.84 12.45 7.07
C LEU A 16 13.90 13.53 7.55
N ILE A 17 12.87 13.15 8.28
CA ILE A 17 11.90 14.15 8.73
C ILE A 17 11.76 14.21 10.25
N VAL A 18 12.19 13.16 10.95
CA VAL A 18 11.94 13.09 12.38
C VAL A 18 12.52 14.31 13.09
N GLY A 19 11.73 14.90 13.97
CA GLY A 19 12.19 16.01 14.78
C GLY A 19 12.12 17.36 14.08
N LYS A 20 11.69 17.38 12.83
CA LYS A 20 11.55 18.66 12.15
C LYS A 20 10.22 19.31 12.49
N THR A 21 10.21 20.64 12.48
CA THR A 21 9.04 21.41 12.86
C THR A 21 8.47 22.10 11.63
N ILE A 22 7.17 21.88 11.38
CA ILE A 22 6.52 22.46 10.21
C ILE A 22 6.34 23.97 10.38
N GLU A 23 6.81 24.73 9.41
CA GLU A 23 6.72 26.18 9.45
C GLU A 23 5.61 26.64 8.51
N ASP A 24 5.36 25.84 7.48
CA ASP A 24 4.36 26.16 6.48
C ASP A 24 3.91 24.89 5.77
N VAL A 25 2.71 24.94 5.20
CA VAL A 25 2.21 23.87 4.36
C VAL A 25 1.62 24.55 3.15
N ARG A 26 2.09 24.14 1.96
CA ARG A 26 1.65 24.75 0.72
C ARG A 26 0.98 23.73 -0.17
N ILE A 27 -0.17 24.10 -0.71
CA ILE A 27 -0.98 23.16 -1.46
C ILE A 27 -1.24 23.68 -2.86
N PHE A 28 -1.03 22.81 -3.85
CA PHE A 28 -1.20 23.21 -5.26
C PHE A 28 -2.27 22.40 -5.98
N TRP A 29 -2.69 21.29 -5.38
CA TRP A 29 -3.86 20.55 -5.85
C TRP A 29 -4.69 20.10 -4.66
N PRO A 30 -5.69 20.92 -4.30
CA PRO A 30 -6.48 20.79 -3.06
C PRO A 30 -7.25 19.47 -2.96
N ASN A 31 -7.62 18.89 -4.09
CA ASN A 31 -8.41 17.66 -4.10
C ASN A 31 -7.75 16.53 -3.33
N ILE A 32 -6.43 16.61 -3.19
CA ILE A 32 -5.68 15.64 -2.42
C ILE A 32 -6.10 15.69 -0.96
N ILE A 33 -6.36 16.89 -0.46
CA ILE A 33 -6.80 17.08 0.91
C ILE A 33 -8.24 16.58 1.08
N ARG A 34 -8.42 15.56 1.91
CA ARG A 34 -9.76 15.01 2.10
C ARG A 34 -10.37 15.39 3.46
N HIS A 35 -9.52 15.50 4.48
CA HIS A 35 -9.98 15.97 5.77
C HIS A 35 -8.85 16.69 6.48
N PRO A 36 -9.10 17.92 6.96
CA PRO A 36 -10.34 18.67 6.77
C PRO A 36 -10.55 18.97 5.29
N ARG A 37 -11.81 18.95 4.81
CA ARG A 37 -12.06 19.18 3.39
C ARG A 37 -11.57 20.55 2.91
N ASP A 38 -11.62 21.54 3.80
CA ASP A 38 -11.07 22.85 3.53
C ASP A 38 -9.54 22.82 3.65
N SER A 39 -8.84 23.05 2.54
CA SER A 39 -7.38 22.91 2.51
C SER A 39 -6.65 23.98 3.31
N GLU A 40 -7.32 25.07 3.63
CA GLU A 40 -6.73 26.09 4.48
C GLU A 40 -6.69 25.68 5.96
N ALA A 41 -7.73 25.03 6.44
CA ALA A 41 -7.73 24.50 7.80
C ALA A 41 -6.65 23.44 7.94
N PHE A 42 -6.55 22.60 6.91
CA PHE A 42 -5.52 21.56 6.80
C PHE A 42 -4.12 22.14 6.99
N ALA A 43 -3.81 23.18 6.24
CA ALA A 43 -2.51 23.83 6.35
C ALA A 43 -2.32 24.47 7.71
N ALA A 44 -3.34 25.19 8.18
CA ALA A 44 -3.23 25.97 9.41
C ALA A 44 -2.95 25.10 10.65
N ARG A 45 -3.70 24.02 10.80
CA ARG A 45 -3.60 23.23 12.01
C ARG A 45 -2.22 22.57 12.13
N MET A 46 -1.55 22.36 11.01
CA MET A 46 -0.26 21.69 11.07
C MET A 46 0.92 22.61 11.35
N ILE A 47 0.78 23.87 10.97
CA ILE A 47 1.84 24.84 11.23
C ILE A 47 2.19 24.83 12.71
N GLY A 48 3.47 24.69 13.02
CA GLY A 48 3.91 24.66 14.40
C GLY A 48 4.17 23.29 15.02
N GLN A 49 3.73 22.22 14.36
CA GLN A 49 3.91 20.88 14.92
C GLN A 49 5.21 20.23 14.46
N THR A 50 5.62 19.19 15.18
CA THR A 50 6.89 18.55 14.92
C THR A 50 6.65 17.09 14.58
N VAL A 51 7.35 16.61 13.57
CA VAL A 51 7.24 15.20 13.21
C VAL A 51 7.87 14.34 14.31
N ARG A 52 7.07 13.47 14.90
CA ARG A 52 7.51 12.65 16.03
C ARG A 52 7.78 11.23 15.58
N GLY A 53 7.12 10.82 14.50
CA GLY A 53 7.28 9.49 13.98
C GLY A 53 6.54 9.27 12.67
N LEU A 54 6.71 8.07 12.12
CA LEU A 54 6.10 7.71 10.85
C LEU A 54 5.77 6.22 10.90
N GLU A 55 4.50 5.90 10.67
CA GLU A 55 4.07 4.51 10.74
C GLU A 55 3.40 4.12 9.44
N ARG A 56 3.13 2.83 9.29
CA ARG A 56 2.40 2.34 8.13
C ARG A 56 1.24 1.50 8.61
N ARG A 57 0.09 1.69 7.97
CA ARG A 57 -1.06 0.84 8.24
C ARG A 57 -1.64 0.45 6.88
N GLY A 58 -1.59 -0.83 6.56
CA GLY A 58 -1.94 -1.28 5.22
C GLY A 58 -1.07 -0.53 4.22
N LYS A 59 -1.70 0.11 3.24
CA LYS A 59 -0.95 0.87 2.23
C LYS A 59 -0.76 2.33 2.60
N PHE A 60 -1.22 2.72 3.79
CA PHE A 60 -1.19 4.12 4.22
C PHE A 60 0.08 4.48 4.98
N LEU A 61 0.53 5.72 4.81
CA LEU A 61 1.55 6.28 5.69
C LEU A 61 0.87 7.10 6.78
N LYS A 62 1.34 6.95 8.01
CA LYS A 62 0.77 7.69 9.13
C LYS A 62 1.85 8.56 9.75
N PHE A 63 1.88 9.83 9.37
CA PHE A 63 2.82 10.76 9.99
C PHE A 63 2.31 11.14 11.37
N LEU A 64 3.16 10.96 12.38
CA LEU A 64 2.78 11.31 13.73
C LEU A 64 3.39 12.65 14.12
N LEU A 65 2.52 13.64 14.36
CA LEU A 65 2.99 14.96 14.74
C LEU A 65 2.84 15.17 16.25
N ASP A 66 2.41 16.35 16.66
CA ASP A 66 2.23 16.61 18.09
C ASP A 66 0.86 16.11 18.55
N ARG A 67 -0.19 16.84 18.22
CA ARG A 67 -1.53 16.38 18.55
C ARG A 67 -2.18 15.61 17.41
N ASP A 68 -1.72 15.87 16.19
CA ASP A 68 -2.39 15.34 15.01
C ASP A 68 -1.65 14.19 14.33
N ALA A 69 -2.38 13.41 13.54
CA ALA A 69 -1.77 12.41 12.67
C ALA A 69 -2.19 12.72 11.23
N LEU A 70 -1.24 12.63 10.30
CA LEU A 70 -1.55 12.81 8.89
C LEU A 70 -1.55 11.46 8.19
N ILE A 71 -2.69 11.09 7.62
CA ILE A 71 -2.84 9.84 6.89
C ILE A 71 -2.69 10.09 5.39
N SER A 72 -1.66 9.48 4.80
CA SER A 72 -1.37 9.70 3.40
C SER A 72 -1.47 8.39 2.62
N HIS A 73 -2.26 8.41 1.55
CA HIS A 73 -2.36 7.27 0.64
C HIS A 73 -1.81 7.67 -0.73
N LEU A 74 -0.79 6.95 -1.19
CA LEU A 74 -0.12 7.32 -2.44
C LEU A 74 -0.91 6.92 -3.68
N ARG A 75 -1.82 5.95 -3.53
CA ARG A 75 -2.57 5.41 -4.66
C ARG A 75 -1.60 4.84 -5.70
N MET A 76 -1.64 5.36 -6.92
CA MET A 76 -0.79 4.83 -7.99
C MET A 76 0.60 5.50 -8.10
N GLU A 77 0.66 6.82 -8.00
CA GLU A 77 1.89 7.55 -8.33
C GLU A 77 2.53 8.34 -7.18
N GLY A 78 1.86 8.40 -6.04
CA GLY A 78 2.31 9.24 -4.93
C GLY A 78 3.74 8.98 -4.51
N ARG A 79 4.55 10.03 -4.50
CA ARG A 79 5.96 9.91 -4.13
C ARG A 79 6.35 11.03 -3.15
N TYR A 80 7.15 10.69 -2.15
CA TYR A 80 7.65 11.69 -1.19
C TYR A 80 9.15 11.88 -1.34
N ALA A 81 9.61 13.12 -1.21
CA ALA A 81 11.04 13.40 -1.13
C ALA A 81 11.31 14.58 -0.19
N VAL A 82 12.53 14.63 0.33
CA VAL A 82 12.95 15.70 1.22
C VAL A 82 14.09 16.48 0.57
N ALA A 83 13.91 17.79 0.46
CA ALA A 83 14.89 18.61 -0.25
C ALA A 83 14.92 20.02 0.29
N SER A 84 15.86 20.81 -0.22
CA SER A 84 16.07 22.17 0.22
C SER A 84 15.03 23.13 -0.33
N ALA A 85 14.59 24.06 0.51
CA ALA A 85 13.64 25.09 0.08
C ALA A 85 14.27 26.02 -0.96
N LEU A 86 15.57 25.91 -1.17
CA LEU A 86 16.25 26.82 -2.08
C LEU A 86 16.30 26.32 -3.52
N GLU A 87 15.84 25.10 -3.75
CA GLU A 87 15.81 24.54 -5.10
C GLU A 87 14.39 24.64 -5.69
N PRO A 88 14.31 24.78 -7.02
CA PRO A 88 13.03 24.75 -7.75
C PRO A 88 12.35 23.40 -7.57
N LEU A 89 11.03 23.38 -7.60
CA LEU A 89 10.29 22.14 -7.42
C LEU A 89 10.38 21.26 -8.67
N GLU A 90 10.28 19.95 -8.45
CA GLU A 90 10.05 19.02 -9.54
C GLU A 90 8.61 19.20 -10.02
N PRO A 91 8.34 18.83 -11.26
CA PRO A 91 6.96 18.87 -11.79
C PRO A 91 6.02 17.92 -11.04
N HIS A 92 4.74 18.27 -11.01
CA HIS A 92 3.72 17.44 -10.37
C HIS A 92 3.86 17.38 -8.86
N THR A 93 4.42 18.44 -8.30
CA THR A 93 4.55 18.56 -6.86
C THR A 93 3.31 19.29 -6.38
N HIS A 94 2.49 18.62 -5.58
CA HIS A 94 1.16 19.16 -5.25
C HIS A 94 1.00 19.62 -3.80
N VAL A 95 1.80 19.05 -2.92
CA VAL A 95 1.76 19.44 -1.52
C VAL A 95 3.20 19.51 -1.02
N VAL A 96 3.52 20.60 -0.35
CA VAL A 96 4.84 20.78 0.24
C VAL A 96 4.70 21.18 1.70
N PHE A 97 5.43 20.49 2.58
CA PHE A 97 5.50 20.86 3.98
C PHE A 97 6.85 21.50 4.22
N CYS A 98 6.86 22.77 4.60
CA CYS A 98 8.12 23.47 4.84
C CYS A 98 8.53 23.37 6.31
N PHE A 99 9.77 22.97 6.56
CA PHE A 99 10.26 22.89 7.93
C PHE A 99 11.10 24.10 8.30
N THR A 100 11.29 24.30 9.59
CA THR A 100 11.95 25.48 10.09
C THR A 100 13.44 25.49 9.77
N ASP A 101 13.96 24.37 9.28
CA ASP A 101 15.39 24.25 9.06
C ASP A 101 15.77 24.44 7.59
N GLY A 102 14.80 24.87 6.80
CA GLY A 102 15.06 25.17 5.40
C GLY A 102 14.81 24.01 4.45
N SER A 103 14.53 22.83 5.00
CA SER A 103 14.23 21.66 4.18
C SER A 103 12.72 21.53 4.01
N GLU A 104 12.30 20.69 3.06
CA GLU A 104 10.90 20.51 2.74
C GLU A 104 10.58 19.05 2.49
N LEU A 105 9.41 18.63 2.94
CA LEU A 105 8.87 17.34 2.53
C LEU A 105 7.97 17.60 1.32
N ARG A 106 8.39 17.12 0.15
CA ARG A 106 7.64 17.33 -1.08
C ARG A 106 6.86 16.10 -1.49
N TYR A 107 5.57 16.30 -1.76
CA TYR A 107 4.71 15.21 -2.23
C TYR A 107 4.41 15.41 -3.71
N ARG A 108 4.74 14.40 -4.51
CA ARG A 108 4.48 14.44 -5.95
C ARG A 108 3.50 13.33 -6.32
N ASP A 109 2.71 13.57 -7.37
CA ASP A 109 1.65 12.64 -7.75
C ASP A 109 1.13 13.03 -9.13
N VAL A 110 1.72 12.43 -10.17
CA VAL A 110 1.37 12.75 -11.55
C VAL A 110 -0.14 12.72 -11.82
N ARG A 111 -0.79 11.63 -11.41
CA ARG A 111 -2.19 11.44 -11.74
C ARG A 111 -3.14 12.09 -10.72
N LYS A 112 -2.57 12.60 -9.63
CA LYS A 112 -3.33 13.30 -8.59
C LYS A 112 -4.35 12.42 -7.87
N PHE A 113 -4.06 11.13 -7.76
CA PHE A 113 -5.00 10.21 -7.12
C PHE A 113 -4.88 10.16 -5.60
N GLY A 114 -3.71 10.53 -5.07
CA GLY A 114 -3.43 10.38 -3.65
C GLY A 114 -4.37 11.16 -2.74
N THR A 115 -4.38 10.79 -1.46
CA THR A 115 -5.25 11.46 -0.50
C THR A 115 -4.52 11.77 0.80
N MET A 116 -4.94 12.84 1.46
CA MET A 116 -4.45 13.20 2.80
C MET A 116 -5.59 13.47 3.78
N HIS A 117 -5.52 12.82 4.92
CA HIS A 117 -6.45 13.07 6.02
C HIS A 117 -5.66 13.45 7.26
N VAL A 118 -6.08 14.50 7.94
CA VAL A 118 -5.50 14.84 9.22
C VAL A 118 -6.55 14.77 10.34
N TYR A 119 -6.26 13.98 11.37
CA TYR A 119 -7.11 13.92 12.54
C TYR A 119 -6.27 14.07 13.80
N ALA A 120 -6.93 14.25 14.93
CA ALA A 120 -6.26 14.14 16.21
C ALA A 120 -5.78 12.70 16.29
N LYS A 121 -4.57 12.48 16.81
CA LYS A 121 -4.00 11.12 16.84
C LYS A 121 -5.01 10.08 17.30
N GLU A 122 -5.70 10.35 18.40
CA GLU A 122 -6.61 9.39 18.99
C GLU A 122 -7.80 9.06 18.08
N GLU A 123 -8.11 9.96 17.15
CA GLU A 123 -9.23 9.77 16.24
C GLU A 123 -8.86 9.03 14.95
N ALA A 124 -7.57 9.03 14.59
CA ALA A 124 -7.15 8.51 13.29
C ALA A 124 -7.59 7.08 13.01
N ASP A 125 -7.49 6.20 13.99
CA ASP A 125 -7.78 4.79 13.76
C ASP A 125 -9.26 4.45 13.79
N ARG A 126 -10.08 5.38 14.27
CA ARG A 126 -11.51 5.15 14.27
C ARG A 126 -12.24 6.04 13.28
N ARG A 127 -11.51 6.56 12.30
CA ARG A 127 -12.09 7.38 11.24
C ARG A 127 -11.61 6.88 9.89
N PRO A 128 -12.35 7.18 8.82
CA PRO A 128 -11.89 6.86 7.47
C PRO A 128 -10.55 7.53 7.22
N PRO A 129 -9.65 6.85 6.48
CA PRO A 129 -9.82 5.56 5.81
C PRO A 129 -9.31 4.36 6.63
N LEU A 130 -8.69 4.62 7.78
CA LEU A 130 -8.04 3.56 8.54
C LEU A 130 -9.01 2.60 9.21
N ALA A 131 -10.19 3.08 9.54
CA ALA A 131 -11.15 2.35 10.38
C ALA A 131 -11.58 0.99 9.83
N GLU A 132 -11.83 0.91 8.54
CA GLU A 132 -12.37 -0.32 7.95
C GLU A 132 -11.29 -1.34 7.60
N LEU A 133 -10.03 -0.99 7.85
CA LEU A 133 -8.92 -1.83 7.42
C LEU A 133 -8.82 -3.17 8.14
N GLY A 134 -8.47 -4.20 7.37
CA GLY A 134 -8.24 -5.53 7.93
C GLY A 134 -6.88 -5.64 8.59
N PRO A 135 -6.61 -6.81 9.18
CA PRO A 135 -5.38 -7.04 9.96
C PRO A 135 -4.14 -6.87 9.12
N GLU A 136 -3.02 -6.54 9.76
CA GLU A 136 -1.75 -6.51 9.06
C GLU A 136 -1.37 -7.95 8.71
N PRO A 137 -0.92 -8.17 7.45
CA PRO A 137 -0.64 -9.54 7.00
C PRO A 137 0.53 -10.18 7.74
N LEU A 138 1.48 -9.36 8.19
CA LEU A 138 2.63 -9.87 8.92
C LEU A 138 2.42 -9.87 10.44
N SER A 139 1.15 -9.84 10.86
CA SER A 139 0.81 -9.86 12.27
C SER A 139 0.06 -11.15 12.61
N PRO A 140 0.07 -11.54 13.89
CA PRO A 140 -0.66 -12.74 14.33
C PRO A 140 -2.16 -12.60 14.06
N ALA A 141 -2.63 -11.36 13.96
CA ALA A 141 -4.04 -11.09 13.69
C ALA A 141 -4.45 -11.58 12.30
N PHE A 142 -3.46 -11.80 11.45
CA PHE A 142 -3.73 -12.38 10.14
C PHE A 142 -3.50 -13.89 10.20
N SER A 143 -4.58 -14.65 10.14
CA SER A 143 -4.51 -16.09 10.29
C SER A 143 -5.41 -16.77 9.28
N PRO A 144 -5.21 -18.08 9.07
CA PRO A 144 -6.06 -18.80 8.12
C PRO A 144 -7.51 -18.74 8.56
N ALA A 145 -7.74 -18.65 9.87
CA ALA A 145 -9.08 -18.55 10.40
C ALA A 145 -9.73 -17.27 9.90
N VAL A 146 -8.98 -16.18 9.93
CA VAL A 146 -9.46 -14.89 9.47
C VAL A 146 -9.84 -14.97 8.00
N LEU A 147 -8.92 -15.49 7.20
CA LEU A 147 -9.11 -15.59 5.76
C LEU A 147 -10.34 -16.45 5.48
N ALA A 148 -10.48 -17.55 6.20
CA ALA A 148 -11.58 -18.48 5.99
C ALA A 148 -12.94 -17.89 6.36
N GLU A 149 -12.97 -17.11 7.43
CA GLU A 149 -14.20 -16.47 7.87
C GLU A 149 -14.80 -15.61 6.76
N ARG A 150 -13.94 -14.94 6.01
CA ARG A 150 -14.39 -14.06 4.94
C ARG A 150 -14.70 -14.85 3.66
N ALA A 151 -13.92 -15.89 3.40
CA ALA A 151 -14.03 -16.64 2.15
C ALA A 151 -15.35 -17.40 2.04
N VAL A 152 -15.72 -18.11 3.11
CA VAL A 152 -16.94 -18.91 3.09
C VAL A 152 -18.18 -18.06 2.86
N LYS A 153 -18.12 -16.81 3.28
CA LYS A 153 -19.27 -15.90 3.26
C LYS A 153 -19.56 -15.28 1.89
N THR A 154 -18.62 -15.42 0.96
CA THR A 154 -18.74 -14.70 -0.32
C THR A 154 -18.63 -15.59 -1.55
N LYS A 155 -19.24 -15.14 -2.63
CA LYS A 155 -19.28 -15.90 -3.87
C LYS A 155 -18.24 -15.40 -4.87
N ARG A 156 -17.60 -14.28 -4.56
CA ARG A 156 -16.69 -13.63 -5.50
C ARG A 156 -15.33 -14.32 -5.58
N SER A 157 -14.53 -13.90 -6.56
CA SER A 157 -13.26 -14.55 -6.83
C SER A 157 -12.28 -14.36 -5.68
N VAL A 158 -11.36 -15.32 -5.53
CA VAL A 158 -10.36 -15.26 -4.48
C VAL A 158 -9.43 -14.06 -4.72
N LYS A 159 -9.24 -13.69 -5.97
CA LYS A 159 -8.47 -12.49 -6.26
C LYS A 159 -9.16 -11.28 -5.65
N ALA A 160 -10.43 -11.09 -5.97
CA ALA A 160 -11.20 -9.97 -5.47
C ALA A 160 -11.22 -9.96 -3.94
N LEU A 161 -11.21 -11.14 -3.35
CA LEU A 161 -11.22 -11.26 -1.90
C LEU A 161 -9.95 -10.68 -1.28
N LEU A 162 -8.80 -10.94 -1.89
CA LEU A 162 -7.53 -10.53 -1.31
C LEU A 162 -7.19 -9.08 -1.61
N LEU A 163 -7.84 -8.52 -2.64
CA LEU A 163 -7.63 -7.12 -2.97
C LEU A 163 -8.43 -6.22 -2.02
N ASP A 164 -9.43 -6.80 -1.37
CA ASP A 164 -10.29 -6.08 -0.44
C ASP A 164 -9.54 -5.76 0.84
N GLN A 165 -9.29 -4.48 1.08
CA GLN A 165 -8.46 -4.06 2.21
C GLN A 165 -9.12 -4.31 3.57
N THR A 166 -10.43 -4.52 3.58
CA THR A 166 -11.15 -4.82 4.82
C THR A 166 -10.91 -6.26 5.27
N VAL A 167 -10.57 -7.12 4.30
CA VAL A 167 -10.25 -8.52 4.58
C VAL A 167 -8.86 -8.61 5.20
N VAL A 168 -7.91 -7.98 4.54
CA VAL A 168 -6.51 -7.93 4.97
C VAL A 168 -5.87 -6.73 4.27
N ALA A 169 -5.00 -6.00 4.98
CA ALA A 169 -4.44 -4.76 4.45
C ALA A 169 -3.06 -4.92 3.80
N GLY A 170 -2.90 -4.40 2.57
CA GLY A 170 -1.58 -4.30 2.00
C GLY A 170 -1.33 -4.88 0.62
N PHE A 171 -2.15 -5.83 0.20
CA PHE A 171 -1.94 -6.52 -1.07
C PHE A 171 -2.60 -5.81 -2.25
N GLY A 172 -1.88 -5.76 -3.36
CA GLY A 172 -2.42 -5.27 -4.62
C GLY A 172 -2.20 -6.30 -5.71
N CYS A 173 -2.50 -5.93 -6.94
CA CYS A 173 -2.51 -6.90 -8.04
C CYS A 173 -1.24 -7.73 -8.14
N ILE A 174 -0.10 -7.06 -8.03
CA ILE A 174 1.16 -7.77 -8.13
C ILE A 174 1.26 -8.92 -7.13
N TYR A 175 1.14 -8.60 -5.84
CA TYR A 175 1.41 -9.59 -4.81
C TYR A 175 0.27 -10.59 -4.63
N VAL A 176 -0.94 -10.18 -4.96
CA VAL A 176 -2.05 -11.11 -5.03
C VAL A 176 -1.76 -12.17 -6.10
N ASP A 177 -1.42 -11.73 -7.31
CA ASP A 177 -1.13 -12.67 -8.38
C ASP A 177 0.00 -13.63 -8.01
N GLU A 178 1.06 -13.09 -7.42
CA GLU A 178 2.22 -13.87 -7.04
C GLU A 178 1.89 -14.87 -5.94
N SER A 179 1.12 -14.43 -4.96
CA SER A 179 0.74 -15.31 -3.85
C SER A 179 -0.10 -16.47 -4.34
N LEU A 180 -1.02 -16.18 -5.25
CA LEU A 180 -1.91 -17.20 -5.79
C LEU A 180 -1.13 -18.26 -6.56
N PHE A 181 -0.13 -17.80 -7.31
CA PHE A 181 0.73 -18.72 -8.04
C PHE A 181 1.47 -19.61 -7.07
N ARG A 182 2.13 -18.99 -6.11
CA ARG A 182 2.92 -19.73 -5.15
C ARG A 182 2.08 -20.73 -4.38
N ALA A 183 0.79 -20.44 -4.25
CA ALA A 183 -0.14 -21.31 -3.52
C ALA A 183 -0.86 -22.29 -4.44
N GLY A 184 -0.58 -22.24 -5.73
CA GLY A 184 -1.17 -23.15 -6.69
C GLY A 184 -2.67 -22.98 -6.86
N ILE A 185 -3.15 -21.75 -6.76
CA ILE A 185 -4.59 -21.48 -6.83
C ILE A 185 -4.94 -20.49 -7.94
N LEU A 186 -5.84 -20.90 -8.83
CA LEU A 186 -6.32 -20.02 -9.90
C LEU A 186 -7.02 -18.80 -9.31
N PRO A 187 -6.68 -17.61 -9.82
CA PRO A 187 -7.22 -16.34 -9.32
C PRO A 187 -8.74 -16.24 -9.43
N GLY A 188 -9.32 -16.89 -10.43
CA GLY A 188 -10.75 -16.80 -10.66
C GLY A 188 -11.61 -17.74 -9.83
N ARG A 189 -10.98 -18.60 -9.03
CA ARG A 189 -11.74 -19.55 -8.22
C ARG A 189 -12.69 -18.77 -7.32
N PRO A 190 -13.94 -19.23 -7.21
CA PRO A 190 -14.80 -18.62 -6.19
C PRO A 190 -14.15 -18.80 -4.82
N ALA A 191 -14.09 -17.72 -4.05
CA ALA A 191 -13.46 -17.76 -2.73
C ALA A 191 -13.99 -18.92 -1.89
N ALA A 192 -15.31 -19.10 -1.91
CA ALA A 192 -15.96 -20.15 -1.13
C ALA A 192 -15.57 -21.56 -1.55
N SER A 193 -15.12 -21.72 -2.80
CA SER A 193 -14.72 -23.03 -3.33
C SER A 193 -13.36 -23.46 -2.80
N LEU A 194 -12.69 -22.56 -2.09
CA LEU A 194 -11.43 -22.90 -1.46
C LEU A 194 -11.64 -23.83 -0.28
N SER A 195 -10.77 -24.81 -0.16
CA SER A 195 -10.82 -25.77 0.92
C SER A 195 -9.91 -25.32 2.06
N SER A 196 -10.06 -25.97 3.21
CA SER A 196 -9.28 -25.65 4.39
C SER A 196 -7.78 -25.80 4.12
N LYS A 197 -7.42 -26.79 3.32
CA LYS A 197 -6.02 -27.04 2.99
C LYS A 197 -5.47 -25.92 2.11
N GLU A 198 -6.29 -25.44 1.17
CA GLU A 198 -5.92 -24.34 0.30
C GLU A 198 -5.82 -23.02 1.09
N ILE A 199 -6.76 -22.81 2.00
CA ILE A 199 -6.75 -21.58 2.79
C ILE A 199 -5.44 -21.47 3.55
N GLU A 200 -5.04 -22.54 4.20
CA GLU A 200 -3.82 -22.52 5.00
C GLU A 200 -2.62 -22.26 4.11
N ARG A 201 -2.61 -22.91 2.96
CA ARG A 201 -1.53 -22.76 2.00
C ARG A 201 -1.43 -21.33 1.49
N LEU A 202 -2.57 -20.77 1.08
CA LEU A 202 -2.62 -19.40 0.60
C LEU A 202 -2.11 -18.46 1.68
N HIS A 203 -2.54 -18.68 2.93
CA HIS A 203 -2.09 -17.84 4.04
C HIS A 203 -0.58 -17.89 4.19
N GLU A 204 -0.01 -19.08 4.14
CA GLU A 204 1.44 -19.22 4.23
C GLU A 204 2.14 -18.47 3.10
N GLU A 205 1.58 -18.55 1.89
CA GLU A 205 2.20 -17.90 0.73
C GLU A 205 2.04 -16.38 0.76
N MET A 206 0.84 -15.93 1.09
CA MET A 206 0.62 -14.50 1.27
C MET A 206 1.64 -13.90 2.24
N VAL A 207 1.81 -14.54 3.39
CA VAL A 207 2.75 -14.02 4.39
C VAL A 207 4.20 -14.03 3.88
N ALA A 208 4.56 -15.09 3.17
CA ALA A 208 5.93 -15.25 2.72
C ALA A 208 6.27 -14.22 1.64
N THR A 209 5.40 -14.13 0.64
CA THR A 209 5.60 -13.23 -0.49
C THR A 209 5.75 -11.78 -0.03
N ILE A 210 4.85 -11.36 0.84
CA ILE A 210 4.87 -9.98 1.31
C ILE A 210 6.14 -9.76 2.15
N GLY A 211 6.51 -10.78 2.92
CA GLY A 211 7.70 -10.70 3.76
C GLY A 211 8.98 -10.54 2.95
N GLU A 212 9.14 -11.35 1.91
CA GLU A 212 10.33 -11.28 1.07
C GLU A 212 10.39 -9.97 0.32
N ALA A 213 9.24 -9.51 -0.15
CA ALA A 213 9.18 -8.25 -0.88
C ALA A 213 9.64 -7.11 0.00
N VAL A 214 9.19 -7.12 1.25
CA VAL A 214 9.60 -6.09 2.21
C VAL A 214 11.11 -6.14 2.46
N MET A 215 11.66 -7.33 2.61
CA MET A 215 13.10 -7.47 2.81
C MET A 215 13.89 -7.03 1.58
N LYS A 216 13.29 -7.14 0.40
CA LYS A 216 13.98 -6.79 -0.84
C LYS A 216 13.69 -5.36 -1.33
N GLY A 217 13.06 -4.55 -0.48
CA GLY A 217 12.77 -3.17 -0.82
C GLY A 217 11.63 -2.96 -1.81
N GLY A 218 10.84 -4.01 -2.02
CA GLY A 218 9.71 -3.92 -2.92
C GLY A 218 10.06 -4.13 -4.38
N SER A 219 9.13 -3.81 -5.26
CA SER A 219 9.32 -3.98 -6.70
C SER A 219 9.37 -2.63 -7.42
N THR A 220 10.18 -2.55 -8.47
CA THR A 220 10.33 -1.33 -9.23
C THR A 220 9.86 -1.52 -10.67
N ALA A 231 15.32 1.19 -6.91
CA ALA A 231 15.21 0.93 -5.48
C ALA A 231 14.99 -0.56 -5.18
N GLY A 232 13.76 -1.02 -5.32
CA GLY A 232 13.42 -2.40 -5.01
C GLY A 232 14.06 -3.40 -5.95
N THR A 233 13.99 -4.69 -5.59
CA THR A 233 14.58 -5.76 -6.39
C THR A 233 13.68 -6.99 -6.55
N PHE A 234 12.50 -6.96 -5.94
CA PHE A 234 11.61 -8.13 -5.92
C PHE A 234 11.11 -8.53 -7.31
N GLN A 235 11.23 -7.63 -8.29
CA GLN A 235 10.76 -7.91 -9.65
C GLN A 235 11.56 -9.02 -10.33
N HIS A 236 12.76 -9.27 -9.84
CA HIS A 236 13.57 -10.37 -10.34
C HIS A 236 13.05 -11.68 -9.76
N HIS A 237 12.09 -11.58 -8.85
CA HIS A 237 11.53 -12.74 -8.18
C HIS A 237 10.05 -12.90 -8.48
N LEU A 238 9.61 -12.38 -9.61
CA LEU A 238 8.21 -12.49 -10.03
C LEU A 238 7.98 -13.77 -10.82
N TYR A 239 6.97 -14.55 -10.43
CA TYR A 239 6.63 -15.77 -11.13
C TYR A 239 5.65 -15.56 -12.28
N VAL A 240 4.70 -14.64 -12.09
CA VAL A 240 3.62 -14.49 -13.08
C VAL A 240 3.28 -13.06 -13.49
N TYR A 241 3.41 -12.11 -12.57
CA TYR A 241 3.00 -10.74 -12.90
C TYR A 241 3.83 -10.14 -14.02
N GLY A 242 3.14 -9.71 -15.08
CA GLY A 242 3.79 -9.10 -16.23
C GLY A 242 4.59 -10.04 -17.11
N ARG A 243 4.40 -11.34 -16.90
CA ARG A 243 5.17 -12.33 -17.62
C ARG A 243 4.34 -13.03 -18.69
N GLN A 244 3.16 -12.49 -18.99
CA GLN A 244 2.27 -13.11 -19.97
C GLN A 244 3.01 -13.45 -21.24
N GLY A 245 2.79 -14.68 -21.72
CA GLY A 245 3.45 -15.16 -22.93
C GLY A 245 4.80 -15.77 -22.67
N ASN A 246 5.38 -15.51 -21.51
CA ASN A 246 6.66 -16.12 -21.17
C ASN A 246 6.49 -17.45 -20.46
N PRO A 247 7.52 -18.31 -20.54
CA PRO A 247 7.46 -19.63 -19.89
C PRO A 247 7.37 -19.49 -18.38
N CYS A 248 6.58 -20.36 -17.75
CA CYS A 248 6.55 -20.44 -16.31
C CYS A 248 7.94 -20.84 -15.81
N LYS A 249 8.38 -20.24 -14.71
CA LYS A 249 9.70 -20.55 -14.15
C LYS A 249 9.74 -21.92 -13.51
N ARG A 250 8.58 -22.54 -13.31
CA ARG A 250 8.56 -23.85 -12.66
C ARG A 250 8.18 -25.00 -13.58
N CYS A 251 7.42 -24.72 -14.64
CA CYS A 251 6.96 -25.78 -15.52
C CYS A 251 7.08 -25.43 -17.01
N GLY A 252 7.36 -24.17 -17.31
CA GLY A 252 7.59 -23.77 -18.69
C GLY A 252 6.33 -23.55 -19.52
N THR A 253 5.17 -23.74 -18.91
CA THR A 253 3.93 -23.38 -19.56
C THR A 253 3.88 -21.86 -19.68
N PRO A 254 3.45 -21.35 -20.85
CA PRO A 254 3.33 -19.90 -21.01
C PRO A 254 2.38 -19.29 -19.99
N ILE A 255 2.85 -18.30 -19.25
CA ILE A 255 2.00 -17.55 -18.33
C ILE A 255 0.87 -16.89 -19.11
N GLU A 256 -0.31 -16.85 -18.50
CA GLU A 256 -1.47 -16.30 -19.16
C GLU A 256 -2.01 -15.04 -18.49
N LYS A 257 -2.63 -14.18 -19.28
CA LYS A 257 -3.23 -12.96 -18.76
C LYS A 257 -4.66 -12.80 -19.24
N THR A 258 -5.59 -12.83 -18.30
CA THR A 258 -6.98 -12.55 -18.61
C THR A 258 -7.51 -11.54 -17.60
N VAL A 259 -8.82 -11.39 -17.56
CA VAL A 259 -9.46 -10.40 -16.69
C VAL A 259 -10.25 -11.07 -15.58
N VAL A 260 -9.78 -10.95 -14.35
CA VAL A 260 -10.52 -11.44 -13.20
C VAL A 260 -10.95 -10.27 -12.31
N ALA A 261 -12.26 -10.11 -12.15
CA ALA A 261 -12.81 -8.99 -11.39
C ALA A 261 -12.41 -7.64 -12.00
N GLY A 262 -12.50 -7.56 -13.33
CA GLY A 262 -12.25 -6.32 -14.05
C GLY A 262 -10.80 -5.90 -14.14
N ARG A 263 -9.90 -6.69 -13.56
CA ARG A 263 -8.49 -6.33 -13.54
C ARG A 263 -7.59 -7.32 -14.28
N GLY A 264 -6.56 -6.81 -14.93
CA GLY A 264 -5.56 -7.65 -15.57
C GLY A 264 -4.98 -8.63 -14.57
N THR A 265 -5.09 -9.91 -14.88
CA THR A 265 -4.68 -10.97 -13.96
C THR A 265 -3.71 -11.94 -14.64
N HIS A 266 -2.62 -12.27 -13.95
CA HIS A 266 -1.63 -13.18 -14.50
C HIS A 266 -1.64 -14.49 -13.73
N TYR A 267 -1.40 -15.60 -14.43
CA TYR A 267 -1.37 -16.91 -13.78
C TYR A 267 -0.76 -17.98 -14.69
N CYS A 268 -0.29 -19.07 -14.08
CA CYS A 268 0.10 -20.25 -14.84
C CYS A 268 -1.04 -21.26 -14.82
N PRO A 269 -1.53 -21.66 -16.00
CA PRO A 269 -2.69 -22.54 -16.09
C PRO A 269 -2.36 -23.97 -15.65
N ARG A 270 -1.10 -24.26 -15.43
CA ARG A 270 -0.71 -25.61 -15.02
C ARG A 270 -0.44 -25.68 -13.53
N CYS A 271 0.37 -24.75 -13.03
CA CYS A 271 0.76 -24.72 -11.63
C CYS A 271 -0.39 -24.35 -10.71
N GLN A 272 -1.32 -23.54 -11.21
CA GLN A 272 -2.47 -23.09 -10.43
C GLN A 272 -3.73 -23.88 -10.81
N ARG A 273 -4.51 -24.26 -9.80
CA ARG A 273 -5.71 -25.06 -10.02
C ARG A 273 -6.94 -24.45 -9.35
#